data_6V91
#
_entry.id   6V91
#
_cell.length_a   60.380
_cell.length_b   95.640
_cell.length_c   108.850
_cell.angle_alpha   90.000
_cell.angle_beta   90.000
_cell.angle_gamma   90.000
#
_symmetry.space_group_name_H-M   'P 21 21 21'
#
loop_
_entity.id
_entity.type
_entity.pdbx_description
1 polymer 'Stringent starvation protein A'
2 non-polymer 'FORMIC ACID'
3 non-polymer 'ACETATE ION'
4 non-polymer 1,2-ETHANEDIOL
5 water water
#
_entity_poly.entity_id   1
_entity_poly.type   'polypeptide(L)'
_entity_poly.pdbx_seq_one_letter_code
;MMVLYSGTTCPFSQRCRLVLFEKGMDFEIRDVDLFNKPEDIAVMNPYGQVPILVERDLILYESNIINEYIDERFPHPQLM
PADPVQRARARLFLLNFEKELFVHVSTLENEKGKAAEKSHEKARLAIRDRLTQLAPIFLKNKYMLGEEFSMLDVAIAPLL
WRLDHYGIELSKNAAPLMKYAERIFSRPAYIEALTPSEKVMRRGHHHHHHH
;
_entity_poly.pdbx_strand_id   A,B
#
# COMPACT_ATOMS: atom_id res chain seq x y z
N MET A 1 0.03 -22.33 14.04
CA MET A 1 -1.42 -22.19 13.95
C MET A 1 -1.84 -20.72 13.90
N MET A 2 -1.98 -20.21 12.68
CA MET A 2 -2.48 -18.85 12.48
C MET A 2 -3.97 -18.77 12.78
N VAL A 3 -4.38 -17.63 13.34
CA VAL A 3 -5.79 -17.30 13.49
C VAL A 3 -6.07 -16.08 12.63
N LEU A 4 -7.12 -16.14 11.81
CA LEU A 4 -7.53 -14.99 11.03
C LEU A 4 -8.87 -14.50 11.54
N TYR A 5 -8.92 -13.25 11.98
CA TYR A 5 -10.18 -12.61 12.32
C TYR A 5 -10.76 -12.06 11.02
N SER A 6 -11.94 -12.55 10.65
CA SER A 6 -12.49 -12.32 9.32
C SER A 6 -13.92 -11.85 9.41
N GLY A 7 -14.22 -10.73 8.74
CA GLY A 7 -15.60 -10.30 8.61
C GLY A 7 -16.34 -11.20 7.64
N THR A 8 -17.53 -11.64 8.05
CA THR A 8 -18.32 -12.59 7.29
C THR A 8 -18.59 -12.15 5.85
N THR A 9 -18.85 -10.86 5.65
CA THR A 9 -19.06 -10.36 4.29
C THR A 9 -18.04 -9.29 3.93
N CYS A 10 -16.90 -9.28 4.61
CA CYS A 10 -15.90 -8.24 4.39
C CYS A 10 -15.05 -8.59 3.17
N PRO A 11 -15.02 -7.76 2.12
CA PRO A 11 -14.21 -8.12 0.93
C PRO A 11 -12.72 -8.19 1.23
N PHE A 12 -12.22 -7.34 2.13
CA PHE A 12 -10.81 -7.41 2.48
C PHE A 12 -10.49 -8.71 3.20
N SER A 13 -11.38 -9.13 4.10
CA SER A 13 -11.20 -10.40 4.80
C SER A 13 -11.25 -11.56 3.81
N GLN A 14 -12.12 -11.47 2.80
CA GLN A 14 -12.20 -12.54 1.81
C GLN A 14 -10.87 -12.73 1.09
N ARG A 15 -10.13 -11.65 0.82
CA ARG A 15 -8.80 -11.80 0.24
C ARG A 15 -7.96 -12.77 1.04
N CYS A 16 -7.94 -12.56 2.36
CA CYS A 16 -7.10 -13.36 3.24
C CYS A 16 -7.60 -14.79 3.34
N ARG A 17 -8.91 -14.98 3.43
CA ARG A 17 -9.47 -16.33 3.38
C ARG A 17 -9.08 -17.04 2.10
N LEU A 18 -9.15 -16.33 0.96
CA LEU A 18 -8.83 -17.01 -0.30
C LEU A 18 -7.37 -17.48 -0.31
N VAL A 19 -6.46 -16.63 0.15
CA VAL A 19 -5.05 -16.99 0.21
C VAL A 19 -4.85 -18.23 1.08
N LEU A 20 -5.50 -18.25 2.25
CA LEU A 20 -5.31 -19.40 3.14
C LEU A 20 -5.81 -20.68 2.49
N PHE A 21 -6.94 -20.61 1.79
CA PHE A 21 -7.47 -21.83 1.19
C PHE A 21 -6.64 -22.25 -0.02
N GLU A 22 -6.13 -21.28 -0.79
CA GLU A 22 -5.27 -21.61 -1.93
C GLU A 22 -4.02 -22.36 -1.47
N LYS A 23 -3.50 -22.01 -0.30
CA LYS A 23 -2.26 -22.58 0.20
C LYS A 23 -2.47 -23.82 1.06
N GLY A 24 -3.72 -24.17 1.40
CA GLY A 24 -4.02 -25.40 2.11
C GLY A 24 -3.37 -25.52 3.48
N MET A 25 -3.23 -24.39 4.17
N MET A 25 -3.06 -24.41 4.14
CA MET A 25 -2.48 -24.21 5.39
CA MET A 25 -2.28 -24.62 5.35
C MET A 25 -3.25 -24.71 6.62
C MET A 25 -3.18 -24.67 6.59
N ASP A 26 -2.54 -24.86 7.75
CA ASP A 26 -3.21 -24.98 9.04
C ASP A 26 -3.63 -23.59 9.52
N PHE A 27 -4.93 -23.34 9.66
CA PHE A 27 -5.38 -22.04 10.12
C PHE A 27 -6.75 -22.19 10.78
N GLU A 28 -7.13 -21.19 11.56
CA GLU A 28 -8.44 -21.08 12.17
C GLU A 28 -9.02 -19.72 11.80
N ILE A 29 -10.24 -19.70 11.26
CA ILE A 29 -10.92 -18.45 10.92
C ILE A 29 -11.85 -18.12 12.08
N ARG A 30 -11.70 -16.93 12.66
CA ARG A 30 -12.63 -16.47 13.69
C ARG A 30 -13.57 -15.48 13.03
N ASP A 31 -14.82 -15.89 12.85
CA ASP A 31 -15.84 -15.07 12.20
CA ASP A 31 -15.81 -15.05 12.20
C ASP A 31 -16.14 -13.85 13.06
N VAL A 32 -16.13 -12.67 12.46
CA VAL A 32 -16.44 -11.44 13.19
C VAL A 32 -17.70 -10.80 12.60
N ASP A 33 -18.65 -10.47 13.46
CA ASP A 33 -19.88 -9.82 13.04
CA ASP A 33 -19.88 -9.82 13.04
C ASP A 33 -19.68 -8.31 13.11
N LEU A 34 -19.46 -7.70 11.95
CA LEU A 34 -19.20 -6.26 11.90
C LEU A 34 -20.41 -5.41 12.26
N PHE A 35 -21.61 -5.99 12.31
CA PHE A 35 -22.72 -5.25 12.89
C PHE A 35 -22.62 -5.15 14.40
N ASN A 36 -21.75 -5.95 15.03
CA ASN A 36 -21.67 -6.05 16.48
C ASN A 36 -20.21 -6.35 16.82
N LYS A 37 -19.35 -5.38 16.51
CA LYS A 37 -17.89 -5.59 16.52
C LYS A 37 -17.39 -5.73 17.95
N PRO A 38 -16.78 -6.86 18.33
CA PRO A 38 -16.28 -7.01 19.70
C PRO A 38 -15.13 -6.05 19.96
N GLU A 39 -14.93 -5.75 21.24
CA GLU A 39 -13.95 -4.74 21.62
C GLU A 39 -12.51 -5.21 21.38
N ASP A 40 -12.26 -6.52 21.35
CA ASP A 40 -10.91 -7.02 21.10
CA ASP A 40 -10.90 -7.00 21.11
C ASP A 40 -10.37 -6.61 19.74
N ILE A 41 -11.26 -6.35 18.76
CA ILE A 41 -10.81 -5.98 17.42
C ILE A 41 -9.97 -4.69 17.49
N ALA A 42 -10.47 -3.68 18.20
CA ALA A 42 -9.77 -2.42 18.34
C ALA A 42 -8.56 -2.52 19.25
N VAL A 43 -8.48 -3.55 20.10
CA VAL A 43 -7.27 -3.78 20.88
C VAL A 43 -6.15 -4.32 19.99
N MET A 44 -6.48 -5.28 19.12
CA MET A 44 -5.49 -5.88 18.23
C MET A 44 -5.10 -4.93 17.10
N ASN A 45 -6.05 -4.18 16.56
CA ASN A 45 -5.80 -3.25 15.46
C ASN A 45 -6.29 -1.88 15.87
N PRO A 46 -5.40 -0.90 16.10
CA PRO A 46 -5.87 0.41 16.56
C PRO A 46 -6.82 1.07 15.58
N TYR A 47 -6.83 0.64 14.32
CA TYR A 47 -7.83 1.12 13.38
C TYR A 47 -9.16 0.38 13.50
N GLY A 48 -9.22 -0.68 14.31
CA GLY A 48 -10.47 -1.36 14.58
C GLY A 48 -11.08 -2.06 13.40
N GLN A 49 -10.26 -2.60 12.49
CA GLN A 49 -10.75 -3.24 11.28
C GLN A 49 -10.25 -4.67 11.18
N VAL A 50 -11.07 -5.51 10.55
CA VAL A 50 -10.65 -6.83 10.10
C VAL A 50 -10.24 -6.68 8.63
N PRO A 51 -9.45 -7.60 8.06
CA PRO A 51 -8.93 -8.80 8.72
C PRO A 51 -7.74 -8.52 9.64
N ILE A 52 -7.53 -9.43 10.59
CA ILE A 52 -6.37 -9.39 11.47
C ILE A 52 -5.80 -10.79 11.52
N LEU A 53 -4.49 -10.91 11.38
CA LEU A 53 -3.81 -12.20 11.50
C LEU A 53 -3.07 -12.22 12.82
N VAL A 54 -3.24 -13.30 13.57
CA VAL A 54 -2.54 -13.47 14.84
C VAL A 54 -1.83 -14.81 14.80
N GLU A 55 -0.52 -14.78 15.02
CA GLU A 55 0.28 -16.01 15.04
C GLU A 55 1.35 -15.82 16.11
N ARG A 56 1.23 -16.57 17.21
CA ARG A 56 2.11 -16.44 18.37
C ARG A 56 2.04 -14.99 18.84
N ASP A 57 3.15 -14.25 18.90
CA ASP A 57 3.13 -12.86 19.32
C ASP A 57 3.03 -11.88 18.15
N LEU A 58 2.74 -12.36 16.95
CA LEU A 58 2.63 -11.51 15.77
C LEU A 58 1.17 -11.15 15.54
N ILE A 59 0.90 -9.85 15.41
CA ILE A 59 -0.41 -9.34 14.99
C ILE A 59 -0.19 -8.52 13.72
N LEU A 60 -0.83 -8.93 12.62
CA LEU A 60 -0.82 -8.13 11.40
C LEU A 60 -2.24 -7.72 11.03
N TYR A 61 -2.37 -6.54 10.44
CA TYR A 61 -3.61 -6.15 9.79
C TYR A 61 -3.23 -5.49 8.47
N GLU A 62 -4.26 -5.05 7.72
CA GLU A 62 -4.19 -4.68 6.30
CA GLU A 62 -4.19 -4.69 6.31
C GLU A 62 -4.08 -5.95 5.46
N SER A 63 -5.09 -6.20 4.61
CA SER A 63 -5.16 -7.49 3.93
C SER A 63 -3.93 -7.75 3.06
N ASN A 64 -3.42 -6.72 2.37
CA ASN A 64 -2.26 -6.97 1.52
C ASN A 64 -1.00 -7.25 2.34
N ILE A 65 -0.84 -6.62 3.51
CA ILE A 65 0.27 -6.94 4.40
C ILE A 65 0.16 -8.39 4.88
N ILE A 66 -1.03 -8.80 5.31
CA ILE A 66 -1.22 -10.16 5.80
C ILE A 66 -0.87 -11.16 4.72
N ASN A 67 -1.39 -10.94 3.51
CA ASN A 67 -1.22 -11.89 2.43
C ASN A 67 0.21 -11.97 1.93
N GLU A 68 0.94 -10.84 1.94
CA GLU A 68 2.35 -10.90 1.59
C GLU A 68 3.11 -11.71 2.63
N TYR A 69 2.76 -11.56 3.90
CA TYR A 69 3.42 -12.33 4.96
C TYR A 69 3.18 -13.83 4.76
N ILE A 70 1.92 -14.20 4.53
CA ILE A 70 1.56 -15.61 4.33
C ILE A 70 2.24 -16.16 3.09
N ASP A 71 2.27 -15.38 2.00
CA ASP A 71 2.87 -15.87 0.76
C ASP A 71 4.36 -16.14 0.93
N GLU A 72 5.06 -15.33 1.73
CA GLU A 72 6.48 -15.59 1.95
CA GLU A 72 6.48 -15.60 1.93
C GLU A 72 6.69 -16.80 2.86
N ARG A 73 5.83 -16.95 3.87
CA ARG A 73 6.02 -18.06 4.79
C ARG A 73 5.60 -19.38 4.16
N PHE A 74 4.61 -19.36 3.27
CA PHE A 74 4.04 -20.58 2.69
C PHE A 74 3.92 -20.39 1.18
N PRO A 75 5.02 -20.51 0.45
CA PRO A 75 5.00 -20.07 -0.96
C PRO A 75 4.45 -21.11 -1.92
N HIS A 76 3.37 -21.81 -1.57
CA HIS A 76 2.82 -22.87 -2.41
C HIS A 76 1.31 -22.74 -2.48
N PRO A 77 0.74 -22.24 -3.59
CA PRO A 77 1.40 -21.68 -4.78
C PRO A 77 1.93 -20.30 -4.49
N GLN A 78 2.93 -19.90 -5.26
CA GLN A 78 3.56 -18.60 -5.10
C GLN A 78 2.63 -17.54 -5.68
N LEU A 79 2.13 -16.62 -4.87
CA LEU A 79 1.16 -15.65 -5.38
C LEU A 79 1.79 -14.33 -5.75
N MET A 80 2.89 -13.96 -5.14
CA MET A 80 3.70 -12.84 -5.64
C MET A 80 4.80 -13.40 -6.52
N PRO A 81 5.03 -12.85 -7.71
CA PRO A 81 6.07 -13.40 -8.58
C PRO A 81 7.43 -13.48 -7.88
N ALA A 82 8.18 -14.52 -8.22
CA ALA A 82 9.49 -14.73 -7.62
C ALA A 82 10.55 -13.85 -8.27
N ASP A 83 10.39 -13.52 -9.54
CA ASP A 83 11.33 -12.64 -10.22
C ASP A 83 11.19 -11.22 -9.65
N PRO A 84 12.30 -10.56 -9.29
CA PRO A 84 12.17 -9.22 -8.66
C PRO A 84 11.53 -8.18 -9.56
N VAL A 85 11.87 -8.17 -10.85
CA VAL A 85 11.25 -7.21 -11.76
C VAL A 85 9.74 -7.41 -11.81
N GLN A 86 9.29 -8.65 -12.00
CA GLN A 86 7.84 -8.88 -12.07
C GLN A 86 7.18 -8.63 -10.74
N ARG A 87 7.88 -8.86 -9.62
CA ARG A 87 7.28 -8.63 -8.30
C ARG A 87 7.02 -7.14 -8.09
N ALA A 88 7.98 -6.28 -8.46
CA ALA A 88 7.78 -4.84 -8.32
C ALA A 88 6.62 -4.37 -9.18
N ARG A 89 6.55 -4.83 -10.44
CA ARG A 89 5.42 -4.50 -11.30
C ARG A 89 4.10 -4.90 -10.65
N ALA A 90 4.05 -6.10 -10.08
CA ALA A 90 2.83 -6.57 -9.44
C ALA A 90 2.49 -5.73 -8.23
N ARG A 91 3.49 -5.39 -7.41
CA ARG A 91 3.24 -4.55 -6.24
C ARG A 91 2.68 -3.20 -6.65
N LEU A 92 3.16 -2.67 -7.78
CA LEU A 92 2.64 -1.39 -8.25
C LEU A 92 1.19 -1.50 -8.70
N PHE A 93 0.83 -2.62 -9.34
CA PHE A 93 -0.57 -2.86 -9.67
C PHE A 93 -1.44 -2.95 -8.42
N LEU A 94 -1.00 -3.76 -7.44
CA LEU A 94 -1.75 -3.83 -6.18
C LEU A 94 -1.95 -2.46 -5.57
N LEU A 95 -0.90 -1.63 -5.59
CA LEU A 95 -1.04 -0.29 -5.02
C LEU A 95 -2.05 0.52 -5.80
N ASN A 96 -2.04 0.42 -7.12
CA ASN A 96 -3.00 1.18 -7.91
C ASN A 96 -4.43 0.68 -7.70
N PHE A 97 -4.62 -0.64 -7.50
CA PHE A 97 -5.93 -1.17 -7.13
C PHE A 97 -6.45 -0.50 -5.87
N GLU A 98 -5.58 -0.34 -4.86
CA GLU A 98 -6.03 0.24 -3.61
C GLU A 98 -6.51 1.66 -3.81
N LYS A 99 -5.77 2.44 -4.61
CA LYS A 99 -6.09 3.85 -4.79
C LYS A 99 -7.28 4.04 -5.73
N GLU A 100 -7.36 3.27 -6.81
CA GLU A 100 -8.37 3.51 -7.84
C GLU A 100 -9.63 2.67 -7.67
N LEU A 101 -9.58 1.62 -6.88
CA LEU A 101 -10.72 0.73 -6.73
C LEU A 101 -11.14 0.57 -5.28
N PHE A 102 -10.21 0.24 -4.39
CA PHE A 102 -10.65 -0.19 -3.08
C PHE A 102 -10.87 0.94 -2.08
N VAL A 103 -10.42 2.17 -2.36
CA VAL A 103 -10.89 3.28 -1.55
CA VAL A 103 -10.89 3.26 -1.54
C VAL A 103 -12.40 3.42 -1.72
N HIS A 104 -12.90 3.09 -2.91
CA HIS A 104 -14.33 3.19 -3.18
C HIS A 104 -15.08 2.00 -2.60
N VAL A 105 -14.44 0.82 -2.56
CA VAL A 105 -15.01 -0.31 -1.83
C VAL A 105 -15.19 0.08 -0.37
N SER A 106 -14.16 0.67 0.24
CA SER A 106 -14.24 1.12 1.62
C SER A 106 -15.40 2.09 1.80
N THR A 107 -15.58 3.02 0.87
CA THR A 107 -16.71 3.94 0.95
C THR A 107 -18.03 3.17 0.98
N LEU A 108 -18.20 2.23 0.04
CA LEU A 108 -19.43 1.46 -0.01
C LEU A 108 -19.62 0.61 1.24
N GLU A 109 -18.55 0.09 1.82
CA GLU A 109 -18.68 -0.74 3.03
C GLU A 109 -18.84 0.08 4.31
N ASN A 110 -18.21 1.26 4.40
CA ASN A 110 -18.08 1.92 5.70
C ASN A 110 -19.02 3.10 5.88
N GLU A 111 -19.21 3.93 4.86
CA GLU A 111 -20.10 5.07 5.00
C GLU A 111 -21.54 4.62 5.01
N LYS A 112 -22.32 5.12 5.96
CA LYS A 112 -23.70 4.70 6.15
C LYS A 112 -24.63 5.91 6.18
N GLY A 113 -25.91 5.66 5.92
CA GLY A 113 -26.94 6.65 6.06
C GLY A 113 -27.26 7.35 4.74
N LYS A 114 -28.34 8.12 4.78
CA LYS A 114 -28.78 8.85 3.58
C LYS A 114 -27.74 9.86 3.13
N ALA A 115 -26.95 10.39 4.07
CA ALA A 115 -25.87 11.30 3.71
C ALA A 115 -24.80 10.62 2.87
N ALA A 116 -24.69 9.29 2.95
CA ALA A 116 -23.70 8.54 2.22
C ALA A 116 -24.16 8.13 0.83
N GLU A 117 -25.44 8.35 0.48
CA GLU A 117 -25.93 7.92 -0.82
C GLU A 117 -25.17 8.57 -1.96
N LYS A 118 -24.87 9.87 -1.84
CA LYS A 118 -24.12 10.56 -2.88
C LYS A 118 -22.72 9.98 -3.03
N SER A 119 -22.02 9.77 -1.91
CA SER A 119 -20.67 9.23 -1.99
C SER A 119 -20.67 7.80 -2.50
N HIS A 120 -21.74 7.05 -2.22
CA HIS A 120 -21.83 5.68 -2.74
C HIS A 120 -21.93 5.69 -4.24
N GLU A 121 -22.77 6.58 -4.80
CA GLU A 121 -22.92 6.62 -6.25
C GLU A 121 -21.64 7.09 -6.93
N LYS A 122 -20.94 8.05 -6.32
CA LYS A 122 -19.62 8.41 -6.84
C LYS A 122 -18.69 7.20 -6.81
N ALA A 123 -18.71 6.44 -5.71
CA ALA A 123 -17.88 5.24 -5.62
C ALA A 123 -18.26 4.21 -6.68
N ARG A 124 -19.55 3.99 -6.91
CA ARG A 124 -19.97 3.03 -7.93
C ARG A 124 -19.50 3.46 -9.31
N LEU A 125 -19.63 4.74 -9.63
CA LEU A 125 -19.22 5.22 -10.94
C LEU A 125 -17.71 5.11 -11.12
N ALA A 126 -16.93 5.47 -10.10
CA ALA A 126 -15.47 5.35 -10.22
C ALA A 126 -15.06 3.90 -10.42
N ILE A 127 -15.65 2.97 -9.66
CA ILE A 127 -15.33 1.56 -9.85
C ILE A 127 -15.70 1.10 -11.26
N ARG A 128 -16.92 1.46 -11.72
CA ARG A 128 -17.35 1.05 -13.05
CA ARG A 128 -17.35 1.05 -13.05
C ARG A 128 -16.35 1.50 -14.11
N ASP A 129 -15.97 2.79 -14.07
CA ASP A 129 -15.06 3.33 -15.06
C ASP A 129 -13.72 2.60 -15.03
N ARG A 130 -13.15 2.40 -13.86
CA ARG A 130 -11.82 1.79 -13.79
C ARG A 130 -11.87 0.32 -14.20
N LEU A 131 -12.87 -0.42 -13.75
CA LEU A 131 -12.99 -1.83 -14.13
C LEU A 131 -13.15 -1.96 -15.62
N THR A 132 -13.91 -1.05 -16.24
CA THR A 132 -14.11 -1.13 -17.67
C THR A 132 -12.81 -0.90 -18.41
N GLN A 133 -11.93 -0.05 -17.87
CA GLN A 133 -10.62 0.17 -18.47
C GLN A 133 -9.73 -1.07 -18.38
N LEU A 134 -9.89 -1.87 -17.33
CA LEU A 134 -9.11 -3.10 -17.17
C LEU A 134 -9.56 -4.20 -18.14
N ALA A 135 -10.82 -4.20 -18.55
CA ALA A 135 -11.40 -5.34 -19.27
C ALA A 135 -10.62 -5.85 -20.48
N PRO A 136 -10.09 -5.02 -21.38
CA PRO A 136 -9.43 -5.59 -22.57
C PRO A 136 -8.28 -6.53 -22.23
N ILE A 137 -7.68 -6.41 -21.04
CA ILE A 137 -6.57 -7.27 -20.63
C ILE A 137 -6.98 -8.74 -20.70
N PHE A 138 -8.23 -9.04 -20.45
CA PHE A 138 -8.65 -10.42 -20.22
C PHE A 138 -9.11 -11.11 -21.49
N LEU A 139 -8.90 -10.50 -22.65
CA LEU A 139 -9.08 -11.22 -23.90
C LEU A 139 -7.91 -12.16 -24.16
N LYS A 140 -6.69 -11.68 -23.95
CA LYS A 140 -5.51 -12.50 -24.17
C LYS A 140 -5.05 -13.22 -22.91
N ASN A 141 -5.42 -12.71 -21.73
CA ASN A 141 -4.83 -13.16 -20.48
C ASN A 141 -5.86 -13.93 -19.65
N LYS A 142 -5.52 -15.16 -19.27
CA LYS A 142 -6.38 -15.94 -18.38
C LYS A 142 -6.57 -15.24 -17.04
N TYR A 143 -5.48 -14.82 -16.41
CA TYR A 143 -5.50 -14.04 -15.19
C TYR A 143 -4.72 -12.76 -15.41
N MET A 144 -4.66 -11.96 -14.35
CA MET A 144 -4.12 -10.60 -14.48
C MET A 144 -2.69 -10.62 -15.03
N LEU A 145 -1.89 -11.58 -14.60
CA LEU A 145 -0.50 -11.66 -15.01
C LEU A 145 -0.29 -12.65 -16.15
N GLY A 146 -1.36 -13.12 -16.77
CA GLY A 146 -1.20 -14.11 -17.81
C GLY A 146 -1.71 -15.46 -17.37
N GLU A 147 -0.91 -16.50 -17.61
CA GLU A 147 -1.36 -17.86 -17.33
C GLU A 147 -1.42 -18.16 -15.83
N GLU A 148 -0.60 -17.49 -15.02
CA GLU A 148 -0.48 -17.88 -13.62
C GLU A 148 -1.35 -17.00 -12.73
N PHE A 149 -2.14 -17.66 -11.89
CA PHE A 149 -2.90 -16.99 -10.83
C PHE A 149 -1.94 -16.26 -9.90
N SER A 150 -2.36 -15.10 -9.39
CA SER A 150 -1.43 -14.31 -8.58
C SER A 150 -2.21 -13.49 -7.55
N MET A 151 -1.46 -12.77 -6.72
CA MET A 151 -2.05 -11.89 -5.73
C MET A 151 -2.92 -10.81 -6.37
N LEU A 152 -2.66 -10.44 -7.63
CA LEU A 152 -3.53 -9.44 -8.28
C LEU A 152 -4.94 -9.98 -8.42
N ASP A 153 -5.08 -11.26 -8.78
CA ASP A 153 -6.40 -11.85 -8.89
C ASP A 153 -7.06 -11.95 -7.52
N VAL A 154 -6.29 -12.34 -6.51
CA VAL A 154 -6.79 -12.39 -5.13
C VAL A 154 -7.31 -11.03 -4.72
N ALA A 155 -6.54 -9.97 -4.99
CA ALA A 155 -6.90 -8.66 -4.46
C ALA A 155 -8.22 -8.16 -5.05
N ILE A 156 -8.45 -8.44 -6.33
CA ILE A 156 -9.59 -7.84 -7.02
C ILE A 156 -10.83 -8.74 -6.98
N ALA A 157 -10.66 -10.05 -6.80
CA ALA A 157 -11.80 -10.97 -6.85
C ALA A 157 -12.96 -10.59 -5.93
N PRO A 158 -12.75 -10.14 -4.67
CA PRO A 158 -13.92 -9.82 -3.83
C PRO A 158 -14.74 -8.67 -4.35
N LEU A 159 -14.13 -7.72 -5.06
CA LEU A 159 -14.91 -6.67 -5.68
C LEU A 159 -15.71 -7.21 -6.86
N LEU A 160 -15.08 -8.02 -7.72
CA LEU A 160 -15.81 -8.56 -8.87
C LEU A 160 -16.98 -9.42 -8.42
N TRP A 161 -16.82 -10.12 -7.29
CA TRP A 161 -17.90 -10.91 -6.71
C TRP A 161 -19.11 -10.04 -6.35
N ARG A 162 -18.87 -8.79 -5.93
CA ARG A 162 -19.87 -7.94 -5.31
C ARG A 162 -20.49 -6.92 -6.27
N LEU A 163 -20.21 -7.00 -7.56
CA LEU A 163 -20.72 -5.96 -8.46
C LEU A 163 -22.24 -5.85 -8.35
N ASP A 164 -22.94 -6.98 -8.38
CA ASP A 164 -24.40 -6.93 -8.24
C ASP A 164 -24.79 -6.43 -6.86
N HIS A 165 -24.14 -6.97 -5.82
CA HIS A 165 -24.40 -6.53 -4.44
C HIS A 165 -24.23 -5.01 -4.30
N TYR A 166 -23.25 -4.43 -4.99
CA TYR A 166 -23.00 -3.01 -4.92
C TYR A 166 -23.85 -2.20 -5.90
N GLY A 167 -24.64 -2.84 -6.75
CA GLY A 167 -25.39 -2.09 -7.75
C GLY A 167 -24.52 -1.48 -8.83
N ILE A 168 -23.44 -2.14 -9.20
CA ILE A 168 -22.53 -1.65 -10.24
C ILE A 168 -22.79 -2.42 -11.53
N GLU A 169 -23.20 -1.71 -12.57
CA GLU A 169 -23.45 -2.30 -13.88
C GLU A 169 -22.35 -1.91 -14.84
N LEU A 170 -21.80 -2.87 -15.56
CA LEU A 170 -20.79 -2.58 -16.57
C LEU A 170 -21.41 -2.65 -17.97
N SER A 171 -20.92 -1.81 -18.88
CA SER A 171 -21.32 -1.87 -20.27
C SER A 171 -20.86 -3.18 -20.92
N LYS A 172 -21.40 -3.50 -22.09
CA LYS A 172 -21.14 -4.80 -22.69
C LYS A 172 -19.68 -4.98 -23.09
N ASN A 173 -18.95 -3.91 -23.38
CA ASN A 173 -17.56 -4.11 -23.76
C ASN A 173 -16.71 -4.59 -22.58
N ALA A 174 -17.25 -4.61 -21.36
CA ALA A 174 -16.49 -5.16 -20.25
C ALA A 174 -16.67 -6.66 -20.11
N ALA A 175 -17.36 -7.31 -21.06
CA ALA A 175 -17.54 -8.76 -21.00
C ALA A 175 -16.29 -9.57 -20.67
N PRO A 176 -15.08 -9.28 -21.24
CA PRO A 176 -13.93 -10.12 -20.86
C PRO A 176 -13.61 -10.07 -19.38
N LEU A 177 -13.84 -8.92 -18.73
CA LEU A 177 -13.58 -8.84 -17.30
C LEU A 177 -14.48 -9.80 -16.53
N MET A 178 -15.72 -9.98 -16.97
CA MET A 178 -16.62 -10.89 -16.27
C MET A 178 -16.33 -12.34 -16.59
N LYS A 179 -15.83 -12.64 -17.78
CA LYS A 179 -15.34 -14.00 -18.04
C LYS A 179 -14.16 -14.32 -17.13
N TYR A 180 -13.24 -13.36 -16.98
CA TYR A 180 -12.14 -13.50 -16.04
C TYR A 180 -12.65 -13.71 -14.61
N ALA A 181 -13.62 -12.90 -14.18
CA ALA A 181 -14.19 -13.07 -12.85
C ALA A 181 -14.65 -14.51 -12.65
N GLU A 182 -15.35 -15.07 -13.64
CA GLU A 182 -15.85 -16.43 -13.50
C GLU A 182 -14.70 -17.43 -13.50
N ARG A 183 -13.59 -17.13 -14.20
CA ARG A 183 -12.43 -18.01 -14.11
C ARG A 183 -11.89 -18.06 -12.68
N ILE A 184 -11.90 -16.93 -11.97
CA ILE A 184 -11.50 -16.96 -10.58
C ILE A 184 -12.51 -17.72 -9.74
N PHE A 185 -13.80 -17.44 -9.96
CA PHE A 185 -14.83 -18.01 -9.10
C PHE A 185 -14.96 -19.52 -9.26
N SER A 186 -14.45 -20.07 -10.35
CA SER A 186 -14.49 -21.50 -10.54
C SER A 186 -13.36 -22.21 -9.80
N ARG A 187 -12.39 -21.49 -9.30
CA ARG A 187 -11.27 -22.13 -8.62
C ARG A 187 -11.75 -22.84 -7.36
N PRO A 188 -11.34 -24.07 -7.11
CA PRO A 188 -11.85 -24.78 -5.93
C PRO A 188 -11.56 -24.07 -4.62
N ALA A 189 -10.42 -23.38 -4.49
CA ALA A 189 -10.18 -22.65 -3.25
C ALA A 189 -11.10 -21.44 -3.11
N TYR A 190 -11.49 -20.82 -4.24
CA TYR A 190 -12.43 -19.72 -4.16
C TYR A 190 -13.80 -20.22 -3.69
N ILE A 191 -14.27 -21.33 -4.27
CA ILE A 191 -15.53 -21.94 -3.86
C ILE A 191 -15.52 -22.19 -2.36
N GLU A 192 -14.42 -22.71 -1.83
CA GLU A 192 -14.38 -23.05 -0.41
C GLU A 192 -14.16 -21.86 0.50
N ALA A 193 -13.52 -20.79 0.02
CA ALA A 193 -13.23 -19.65 0.90
C ALA A 193 -14.44 -18.73 1.06
N LEU A 194 -15.41 -18.80 0.17
CA LEU A 194 -16.66 -18.05 0.30
C LEU A 194 -17.35 -18.39 1.61
N THR A 195 -17.79 -17.35 2.35
CA THR A 195 -18.68 -17.70 3.46
C THR A 195 -20.09 -18.00 2.95
N PRO A 196 -20.89 -18.71 3.75
CA PRO A 196 -22.30 -18.91 3.36
C PRO A 196 -23.01 -17.59 3.04
N SER A 197 -22.75 -16.52 3.80
CA SER A 197 -23.38 -15.23 3.50
C SER A 197 -22.90 -14.67 2.16
N GLU A 198 -21.60 -14.76 1.88
CA GLU A 198 -21.12 -14.24 0.61
C GLU A 198 -21.75 -14.96 -0.58
N LYS A 199 -22.02 -16.26 -0.43
CA LYS A 199 -22.68 -16.99 -1.52
C LYS A 199 -24.02 -16.37 -1.88
N VAL A 200 -24.72 -15.80 -0.91
CA VAL A 200 -26.03 -15.18 -1.19
C VAL A 200 -25.91 -13.91 -2.02
N MET A 201 -24.71 -13.33 -2.14
CA MET A 201 -24.55 -12.15 -2.99
C MET A 201 -24.64 -12.46 -4.47
N ARG A 202 -24.55 -13.72 -4.87
CA ARG A 202 -24.59 -14.10 -6.27
C ARG A 202 -25.97 -13.78 -6.84
N ARG A 203 -26.00 -12.98 -7.92
CA ARG A 203 -27.27 -12.53 -8.49
C ARG A 203 -28.18 -13.71 -8.81
N GLY A 204 -29.48 -13.50 -8.64
CA GLY A 204 -30.47 -14.57 -8.73
C GLY A 204 -30.55 -15.23 -10.09
N HIS A 205 -29.94 -14.65 -11.13
CA HIS A 205 -30.02 -15.19 -12.49
C HIS A 205 -28.80 -16.01 -12.89
N HIS A 206 -27.88 -16.28 -11.96
CA HIS A 206 -26.64 -16.97 -12.28
C HIS A 206 -26.43 -18.12 -11.31
N HIS A 207 -26.04 -19.28 -11.85
CA HIS A 207 -25.80 -20.46 -11.03
C HIS A 207 -24.47 -20.34 -10.30
N HIS A 208 -24.32 -21.16 -9.26
CA HIS A 208 -23.12 -21.17 -8.45
C HIS A 208 -22.07 -22.12 -9.03
N HIS A 209 -20.81 -21.71 -8.94
CA HIS A 209 -19.71 -22.59 -9.25
C HIS A 209 -19.64 -23.71 -8.21
N HIS A 210 -19.39 -24.93 -8.69
CA HIS A 210 -19.35 -26.11 -7.83
C HIS A 210 -18.12 -26.94 -8.18
N HIS A 211 -17.82 -27.89 -7.31
CA HIS A 211 -16.73 -28.83 -7.55
C HIS A 211 -17.13 -29.91 -8.57
N MET B 1 21.78 0.02 -16.37
CA MET B 1 21.98 1.35 -15.80
C MET B 1 20.67 1.97 -15.30
N MET B 2 20.51 2.02 -13.98
CA MET B 2 19.30 2.62 -13.40
C MET B 2 19.26 4.12 -13.65
N VAL B 3 18.10 4.62 -14.07
CA VAL B 3 17.85 6.05 -14.24
C VAL B 3 16.74 6.46 -13.30
N LEU B 4 16.96 7.52 -12.51
CA LEU B 4 15.96 8.06 -11.60
C LEU B 4 15.56 9.46 -12.06
N TYR B 5 14.30 9.62 -12.46
CA TYR B 5 13.73 10.94 -12.69
C TYR B 5 13.36 11.57 -11.34
N SER B 6 13.98 12.70 -11.01
CA SER B 6 13.97 13.23 -9.65
C SER B 6 13.56 14.69 -9.61
N GLY B 7 12.66 15.03 -8.69
CA GLY B 7 12.39 16.43 -8.40
C GLY B 7 13.44 16.97 -7.44
N THR B 8 14.12 18.05 -7.83
CA THR B 8 15.28 18.49 -7.06
C THR B 8 14.92 18.94 -5.64
N THR B 9 13.67 19.33 -5.40
CA THR B 9 13.21 19.60 -4.04
C THR B 9 12.07 18.67 -3.62
N CYS B 10 11.86 17.57 -4.34
CA CYS B 10 10.75 16.67 -4.06
C CYS B 10 11.13 15.70 -2.95
N PRO B 11 10.40 15.68 -1.83
CA PRO B 11 10.78 14.77 -0.72
C PRO B 11 10.66 13.31 -1.07
N PHE B 12 9.68 12.94 -1.91
CA PHE B 12 9.58 11.54 -2.31
C PHE B 12 10.76 11.16 -3.20
N SER B 13 11.21 12.09 -4.05
CA SER B 13 12.40 11.82 -4.84
C SER B 13 13.64 11.70 -3.97
N GLN B 14 13.73 12.51 -2.91
CA GLN B 14 14.88 12.42 -2.01
C GLN B 14 14.97 11.03 -1.39
N ARG B 15 13.83 10.43 -1.05
CA ARG B 15 13.83 9.05 -0.56
C ARG B 15 14.61 8.13 -1.49
N CYS B 16 14.31 8.21 -2.79
CA CYS B 16 14.95 7.33 -3.75
C CYS B 16 16.41 7.68 -3.96
N ARG B 17 16.73 8.98 -4.00
CA ARG B 17 18.13 9.38 -4.08
C ARG B 17 18.92 8.82 -2.90
N LEU B 18 18.34 8.89 -1.70
CA LEU B 18 19.02 8.36 -0.51
C LEU B 18 19.29 6.87 -0.65
N VAL B 19 18.28 6.10 -1.05
CA VAL B 19 18.45 4.66 -1.19
C VAL B 19 19.53 4.34 -2.22
N LEU B 20 19.54 5.06 -3.35
CA LEU B 20 20.51 4.78 -4.39
C LEU B 20 21.94 5.06 -3.90
N PHE B 21 22.14 6.15 -3.17
CA PHE B 21 23.48 6.41 -2.65
C PHE B 21 23.85 5.43 -1.54
N GLU B 22 22.87 4.98 -0.75
CA GLU B 22 23.16 3.97 0.27
C GLU B 22 23.66 2.68 -0.38
N LYS B 23 23.09 2.30 -1.51
CA LYS B 23 23.49 1.04 -2.16
C LYS B 23 24.83 1.18 -2.87
N GLY B 24 25.14 2.35 -3.43
CA GLY B 24 26.44 2.57 -4.01
C GLY B 24 26.69 1.92 -5.35
N MET B 25 25.63 1.52 -6.07
CA MET B 25 25.79 0.96 -7.39
C MET B 25 25.71 2.07 -8.43
N ASP B 26 25.72 1.70 -9.72
CA ASP B 26 25.67 2.68 -10.79
C ASP B 26 24.23 3.15 -11.02
N PHE B 27 24.07 4.46 -11.20
CA PHE B 27 22.77 5.05 -11.49
C PHE B 27 22.98 6.48 -11.98
N GLU B 28 21.94 7.01 -12.63
CA GLU B 28 21.93 8.38 -13.13
C GLU B 28 20.70 9.08 -12.59
N ILE B 29 20.87 10.31 -12.12
CA ILE B 29 19.77 11.14 -11.67
C ILE B 29 19.45 12.14 -12.78
N ARG B 30 18.19 12.16 -13.22
CA ARG B 30 17.73 13.13 -14.19
C ARG B 30 16.76 14.08 -13.50
N ASP B 31 17.15 15.35 -13.40
CA ASP B 31 16.29 16.34 -12.77
C ASP B 31 15.09 16.63 -13.65
N VAL B 32 13.92 16.73 -13.02
CA VAL B 32 12.67 17.03 -13.71
C VAL B 32 12.10 18.30 -13.11
N ASP B 33 11.64 19.20 -13.97
CA ASP B 33 11.08 20.47 -13.57
C ASP B 33 9.65 20.57 -14.08
N LEU B 34 8.82 21.32 -13.34
CA LEU B 34 7.46 21.60 -13.78
C LEU B 34 7.48 22.80 -14.71
N PHE B 35 7.02 22.61 -15.95
CA PHE B 35 7.16 23.43 -17.16
C PHE B 35 8.36 22.98 -17.99
N ASN B 36 9.22 22.13 -17.45
CA ASN B 36 10.23 21.40 -18.21
C ASN B 36 10.03 19.89 -18.08
N LYS B 37 8.82 19.45 -17.74
CA LYS B 37 8.50 18.03 -17.59
C LYS B 37 8.34 17.42 -18.97
N PRO B 38 9.22 16.50 -19.36
CA PRO B 38 9.15 15.93 -20.71
C PRO B 38 7.82 15.22 -20.94
N GLU B 39 7.34 15.28 -22.19
CA GLU B 39 6.08 14.62 -22.52
C GLU B 39 6.15 13.12 -22.30
N ASP B 40 7.36 12.55 -22.35
CA ASP B 40 7.57 11.15 -22.05
C ASP B 40 7.13 10.76 -20.64
N ILE B 41 6.93 11.75 -19.75
CA ILE B 41 6.67 11.45 -18.35
C ILE B 41 5.33 10.72 -18.18
N ALA B 42 4.32 11.09 -18.98
CA ALA B 42 3.00 10.49 -18.85
C ALA B 42 2.99 9.04 -19.30
N VAL B 43 3.85 8.68 -20.24
CA VAL B 43 3.96 7.27 -20.64
C VAL B 43 4.56 6.44 -19.53
N MET B 44 5.61 6.95 -18.88
CA MET B 44 6.22 6.25 -17.75
C MET B 44 5.25 6.16 -16.59
N ASN B 45 4.66 7.29 -16.19
CA ASN B 45 3.77 7.37 -15.03
C ASN B 45 2.53 8.17 -15.43
N PRO B 46 1.37 7.53 -15.59
CA PRO B 46 0.18 8.28 -16.00
C PRO B 46 -0.29 9.28 -14.95
N TYR B 47 0.17 9.16 -13.70
CA TYR B 47 -0.09 10.19 -12.71
C TYR B 47 0.79 11.42 -12.88
N GLY B 48 1.76 11.38 -13.79
CA GLY B 48 2.56 12.54 -14.11
C GLY B 48 3.50 13.00 -13.01
N GLN B 49 3.90 12.13 -12.10
CA GLN B 49 4.67 12.54 -10.93
C GLN B 49 6.05 11.90 -10.91
N VAL B 50 6.98 12.61 -10.28
CA VAL B 50 8.29 12.02 -9.93
C VAL B 50 8.20 11.60 -8.47
N PRO B 51 9.03 10.64 -8.02
CA PRO B 51 10.11 9.98 -8.77
C PRO B 51 9.64 8.88 -9.69
N ILE B 52 10.43 8.62 -10.73
CA ILE B 52 10.24 7.48 -11.61
C ILE B 52 11.58 6.80 -11.77
N LEU B 53 11.59 5.47 -11.71
CA LEU B 53 12.81 4.70 -11.95
C LEU B 53 12.65 3.92 -13.24
N VAL B 54 13.71 3.90 -14.05
CA VAL B 54 13.76 3.09 -15.27
C VAL B 54 15.01 2.21 -15.20
N GLU B 55 14.84 0.91 -15.44
CA GLU B 55 15.96 -0.01 -15.62
C GLU B 55 15.62 -0.95 -16.76
N ARG B 56 16.39 -0.87 -17.84
CA ARG B 56 16.11 -1.63 -19.06
C ARG B 56 14.69 -1.31 -19.53
N ASP B 57 13.79 -2.30 -19.47
CA ASP B 57 12.41 -2.12 -19.87
C ASP B 57 11.47 -1.98 -18.68
N LEU B 58 12.00 -1.89 -17.46
CA LEU B 58 11.20 -1.74 -16.26
C LEU B 58 11.00 -0.27 -15.94
N ILE B 59 9.75 0.11 -15.65
CA ILE B 59 9.40 1.47 -15.27
C ILE B 59 8.59 1.39 -13.98
N LEU B 60 9.07 2.04 -12.93
CA LEU B 60 8.40 2.06 -11.64
C LEU B 60 8.18 3.50 -11.20
N TYR B 61 7.07 3.73 -10.50
CA TYR B 61 6.87 4.98 -9.76
C TYR B 61 6.31 4.63 -8.40
N GLU B 62 6.09 5.67 -7.57
CA GLU B 62 5.82 5.57 -6.13
C GLU B 62 7.11 5.27 -5.41
N SER B 63 7.57 6.18 -4.55
CA SER B 63 8.89 6.05 -3.94
C SER B 63 9.06 4.73 -3.19
N ASN B 64 8.05 4.28 -2.44
CA ASN B 64 8.21 3.05 -1.68
C ASN B 64 8.31 1.83 -2.59
N ILE B 65 7.61 1.85 -3.73
CA ILE B 65 7.74 0.78 -4.72
C ILE B 65 9.14 0.78 -5.32
N ILE B 66 9.61 1.96 -5.75
CA ILE B 66 10.96 2.10 -6.29
C ILE B 66 11.99 1.61 -5.29
N ASN B 67 11.89 2.09 -4.05
CA ASN B 67 12.93 1.77 -3.06
C ASN B 67 12.89 0.30 -2.68
N GLU B 68 11.70 -0.28 -2.58
CA GLU B 68 11.61 -1.70 -2.30
C GLU B 68 12.27 -2.52 -3.39
N TYR B 69 12.09 -2.12 -4.64
CA TYR B 69 12.75 -2.83 -5.74
C TYR B 69 14.27 -2.67 -5.68
N ILE B 70 14.76 -1.46 -5.37
CA ILE B 70 16.21 -1.30 -5.30
C ILE B 70 16.78 -2.14 -4.17
N ASP B 71 16.06 -2.17 -3.04
CA ASP B 71 16.49 -2.95 -1.88
C ASP B 71 16.62 -4.44 -2.20
N GLU B 72 15.78 -4.96 -3.10
CA GLU B 72 15.83 -6.37 -3.48
C GLU B 72 16.86 -6.63 -4.58
N ARG B 73 17.05 -5.70 -5.51
CA ARG B 73 18.06 -5.87 -6.55
C ARG B 73 19.47 -5.88 -5.97
N PHE B 74 19.74 -4.98 -5.02
CA PHE B 74 21.06 -4.79 -4.45
C PHE B 74 20.93 -5.03 -2.95
N PRO B 75 21.14 -6.25 -2.48
CA PRO B 75 20.72 -6.59 -1.12
C PRO B 75 21.45 -5.82 -0.03
N HIS B 76 22.74 -5.54 -0.20
CA HIS B 76 23.45 -4.99 0.94
C HIS B 76 23.83 -3.52 0.72
N PRO B 77 23.63 -2.66 1.73
CA PRO B 77 23.07 -3.02 3.04
C PRO B 77 21.56 -3.21 2.96
N GLN B 78 21.04 -4.13 3.78
CA GLN B 78 19.62 -4.42 3.78
C GLN B 78 18.86 -3.30 4.46
N LEU B 79 17.84 -2.76 3.79
CA LEU B 79 17.05 -1.69 4.37
C LEU B 79 15.76 -2.18 5.01
N MET B 80 15.56 -3.49 5.06
CA MET B 80 14.44 -4.13 5.75
C MET B 80 14.96 -5.35 6.51
N PRO B 81 14.32 -5.70 7.62
CA PRO B 81 14.76 -6.90 8.36
C PRO B 81 14.80 -8.12 7.45
N ALA B 82 15.78 -8.99 7.69
CA ALA B 82 15.78 -10.26 6.98
C ALA B 82 14.76 -11.22 7.57
N ASP B 83 14.47 -11.10 8.86
CA ASP B 83 13.51 -12.00 9.51
C ASP B 83 12.10 -11.72 9.00
N PRO B 84 11.37 -12.74 8.52
CA PRO B 84 10.08 -12.48 7.87
C PRO B 84 9.05 -11.84 8.78
N VAL B 85 9.07 -12.15 10.08
CA VAL B 85 8.13 -11.54 11.01
C VAL B 85 8.47 -10.07 11.20
N GLN B 86 9.74 -9.78 11.45
CA GLN B 86 10.14 -8.39 11.63
CA GLN B 86 10.17 -8.39 11.63
C GLN B 86 9.92 -7.58 10.36
N ARG B 87 10.11 -8.21 9.20
CA ARG B 87 9.90 -7.50 7.95
C ARG B 87 8.42 -7.20 7.72
N ALA B 88 7.54 -8.15 8.02
CA ALA B 88 6.11 -7.88 7.95
C ALA B 88 5.72 -6.74 8.88
N ARG B 89 6.22 -6.73 10.11
CA ARG B 89 5.93 -5.62 11.02
C ARG B 89 6.42 -4.30 10.44
N ALA B 90 7.61 -4.30 9.84
CA ALA B 90 8.15 -3.05 9.30
C ALA B 90 7.35 -2.58 8.08
N ARG B 91 6.90 -3.50 7.23
CA ARG B 91 6.06 -3.11 6.10
CA ARG B 91 6.06 -3.12 6.10
C ARG B 91 4.77 -2.47 6.58
N LEU B 92 4.19 -3.00 7.65
CA LEU B 92 2.98 -2.42 8.23
C LEU B 92 3.26 -1.04 8.82
N PHE B 93 4.39 -0.88 9.52
CA PHE B 93 4.78 0.43 10.03
CA PHE B 93 4.75 0.44 10.04
C PHE B 93 4.92 1.45 8.89
N LEU B 94 5.56 1.03 7.79
CA LEU B 94 5.73 1.93 6.65
C LEU B 94 4.39 2.33 6.06
N LEU B 95 3.50 1.36 5.91
CA LEU B 95 2.18 1.64 5.36
C LEU B 95 1.43 2.63 6.23
N ASN B 96 1.53 2.48 7.55
CA ASN B 96 0.85 3.41 8.44
C ASN B 96 1.45 4.81 8.38
N PHE B 97 2.76 4.90 8.15
CA PHE B 97 3.37 6.22 8.00
C PHE B 97 2.86 6.95 6.77
N GLU B 98 2.56 6.22 5.68
CA GLU B 98 2.01 6.89 4.50
C GLU B 98 0.69 7.56 4.83
N LYS B 99 -0.18 6.87 5.57
CA LYS B 99 -1.48 7.43 5.93
C LYS B 99 -1.38 8.49 7.02
N GLU B 100 -0.50 8.30 8.00
CA GLU B 100 -0.46 9.21 9.14
C GLU B 100 0.44 10.42 8.91
N LEU B 101 1.42 10.31 8.02
CA LEU B 101 2.36 11.40 7.82
C LEU B 101 2.41 11.89 6.37
N PHE B 102 2.53 10.99 5.40
CA PHE B 102 2.93 11.46 4.08
C PHE B 102 1.76 11.85 3.19
N VAL B 103 0.54 11.47 3.53
CA VAL B 103 -0.59 12.10 2.85
CA VAL B 103 -0.61 12.10 2.88
C VAL B 103 -0.57 13.61 3.13
N HIS B 104 -0.11 14.01 4.31
CA HIS B 104 -0.03 15.42 4.67
C HIS B 104 1.18 16.08 4.02
N VAL B 105 2.29 15.36 3.86
CA VAL B 105 3.38 15.87 3.05
C VAL B 105 2.90 16.14 1.62
N SER B 106 2.08 15.24 1.08
CA SER B 106 1.56 15.44 -0.27
C SER B 106 0.66 16.66 -0.35
N THR B 107 -0.17 16.88 0.67
CA THR B 107 -0.99 18.08 0.71
C THR B 107 -0.12 19.33 0.66
N LEU B 108 0.94 19.37 1.47
CA LEU B 108 1.82 20.53 1.49
C LEU B 108 2.57 20.70 0.18
N GLU B 109 2.94 19.59 -0.49
CA GLU B 109 3.72 19.71 -1.72
C GLU B 109 2.85 20.04 -2.93
N ASN B 110 1.60 19.61 -2.96
CA ASN B 110 0.82 19.63 -4.20
C ASN B 110 -0.35 20.60 -4.19
N GLU B 111 -1.05 20.76 -3.07
CA GLU B 111 -2.17 21.70 -3.05
C GLU B 111 -1.64 23.13 -3.10
N LYS B 112 -2.24 23.95 -3.96
CA LYS B 112 -1.72 25.28 -4.26
C LYS B 112 -2.82 26.32 -4.12
N GLY B 113 -2.45 27.49 -3.60
CA GLY B 113 -3.32 28.66 -3.60
C GLY B 113 -3.85 28.99 -2.22
N LYS B 114 -4.70 30.02 -2.20
CA LYS B 114 -5.37 30.43 -0.96
C LYS B 114 -6.40 29.40 -0.52
N ALA B 115 -7.06 28.74 -1.47
CA ALA B 115 -7.98 27.66 -1.12
C ALA B 115 -7.28 26.56 -0.32
N ALA B 116 -5.97 26.41 -0.50
CA ALA B 116 -5.23 25.33 0.13
C ALA B 116 -4.70 25.69 1.51
N GLU B 117 -4.74 26.98 1.89
CA GLU B 117 -4.15 27.39 3.16
C GLU B 117 -4.79 26.66 4.34
N LYS B 118 -6.11 26.44 4.28
CA LYS B 118 -6.81 25.73 5.34
C LYS B 118 -6.33 24.28 5.46
N SER B 119 -6.21 23.59 4.32
CA SER B 119 -5.77 22.20 4.36
C SER B 119 -4.29 22.09 4.69
N HIS B 120 -3.50 23.08 4.28
CA HIS B 120 -2.08 23.09 4.66
C HIS B 120 -1.92 23.13 6.17
N GLU B 121 -2.69 23.99 6.84
CA GLU B 121 -2.63 24.03 8.30
C GLU B 121 -3.11 22.71 8.91
N LYS B 122 -4.20 22.15 8.39
CA LYS B 122 -4.64 20.83 8.86
C LYS B 122 -3.53 19.79 8.69
N ALA B 123 -2.78 19.87 7.60
CA ALA B 123 -1.68 18.94 7.37
C ALA B 123 -0.55 19.17 8.37
N ARG B 124 -0.26 20.43 8.67
CA ARG B 124 0.78 20.74 9.64
C ARG B 124 0.42 20.24 11.03
N LEU B 125 -0.85 20.42 11.44
CA LEU B 125 -1.27 19.96 12.76
C LEU B 125 -1.18 18.45 12.87
N ALA B 126 -1.62 17.73 11.83
CA ALA B 126 -1.60 16.27 11.89
C ALA B 126 -0.17 15.75 11.97
N ILE B 127 0.74 16.33 11.18
CA ILE B 127 2.15 15.92 11.25
C ILE B 127 2.71 16.18 12.64
N ARG B 128 2.44 17.36 13.20
CA ARG B 128 2.93 17.68 14.53
C ARG B 128 2.44 16.66 15.54
N ASP B 129 1.14 16.35 15.52
CA ASP B 129 0.57 15.40 16.48
C ASP B 129 1.22 14.03 16.36
N ARG B 130 1.40 13.53 15.14
CA ARG B 130 1.99 12.20 14.97
C ARG B 130 3.45 12.18 15.38
N LEU B 131 4.23 13.20 14.97
CA LEU B 131 5.64 13.22 15.35
C LEU B 131 5.81 13.36 16.85
N THR B 132 4.89 14.06 17.51
CA THR B 132 4.95 14.16 18.96
C THR B 132 4.74 12.81 19.61
N GLN B 133 3.82 12.00 19.09
CA GLN B 133 3.65 10.64 19.58
C GLN B 133 4.91 9.82 19.37
N LEU B 134 5.58 10.02 18.23
CA LEU B 134 6.70 9.18 17.86
C LEU B 134 7.95 9.50 18.64
N ALA B 135 8.16 10.77 18.99
CA ALA B 135 9.46 11.23 19.45
C ALA B 135 10.05 10.43 20.62
N PRO B 136 9.31 10.02 21.65
CA PRO B 136 9.97 9.41 22.81
C PRO B 136 10.72 8.12 22.52
N ILE B 137 10.41 7.41 21.43
CA ILE B 137 11.14 6.18 21.17
C ILE B 137 12.62 6.43 20.95
N PHE B 138 12.99 7.65 20.56
CA PHE B 138 14.40 7.92 20.26
C PHE B 138 15.18 8.30 21.50
N LEU B 139 14.54 8.26 22.67
CA LEU B 139 15.31 8.22 23.90
C LEU B 139 16.14 6.94 23.98
N LYS B 140 15.64 5.85 23.39
CA LYS B 140 16.27 4.54 23.49
C LYS B 140 16.67 3.94 22.16
N ASN B 141 16.18 4.43 21.03
CA ASN B 141 16.42 3.84 19.72
C ASN B 141 17.38 4.71 18.93
N LYS B 142 18.44 4.11 18.40
CA LYS B 142 19.32 4.84 17.50
C LYS B 142 18.56 5.23 16.22
N TYR B 143 17.88 4.27 15.61
CA TYR B 143 17.06 4.49 14.43
C TYR B 143 15.66 3.94 14.71
N MET B 144 14.78 4.04 13.71
CA MET B 144 13.37 3.69 13.91
C MET B 144 13.22 2.26 14.43
N LEU B 145 13.95 1.30 13.86
CA LEU B 145 13.86 -0.09 14.27
C LEU B 145 14.90 -0.48 15.33
N GLY B 146 15.61 0.48 15.89
CA GLY B 146 16.64 0.16 16.85
C GLY B 146 18.02 0.44 16.28
N GLU B 147 18.91 -0.54 16.35
CA GLU B 147 20.30 -0.28 15.98
C GLU B 147 20.50 -0.19 14.47
N GLU B 148 19.65 -0.80 13.67
CA GLU B 148 19.87 -0.91 12.23
C GLU B 148 19.08 0.15 11.47
N PHE B 149 19.79 0.90 10.62
CA PHE B 149 19.16 1.82 9.68
C PHE B 149 18.26 1.06 8.72
N SER B 150 17.09 1.61 8.42
CA SER B 150 16.16 0.87 7.57
C SER B 150 15.34 1.83 6.72
N MET B 151 14.47 1.23 5.90
CA MET B 151 13.57 1.99 5.06
C MET B 151 12.65 2.91 5.86
N LEU B 152 12.39 2.60 7.13
CA LEU B 152 11.58 3.51 7.92
C LEU B 152 12.29 4.86 8.10
N ASP B 153 13.60 4.82 8.35
CA ASP B 153 14.37 6.06 8.44
C ASP B 153 14.45 6.76 7.09
N VAL B 154 14.68 5.98 6.02
CA VAL B 154 14.68 6.54 4.67
C VAL B 154 13.38 7.28 4.42
N ALA B 155 12.27 6.64 4.75
CA ALA B 155 10.96 7.18 4.41
C ALA B 155 10.70 8.50 5.12
N ILE B 156 11.08 8.61 6.40
CA ILE B 156 10.70 9.77 7.19
C ILE B 156 11.70 10.92 7.07
N ALA B 157 12.92 10.63 6.64
CA ALA B 157 13.97 11.66 6.70
C ALA B 157 13.67 12.91 5.88
N PRO B 158 13.12 12.84 4.66
CA PRO B 158 12.83 14.08 3.93
C PRO B 158 11.84 14.99 4.65
N LEU B 159 10.90 14.40 5.40
CA LEU B 159 9.98 15.21 6.18
C LEU B 159 10.70 15.88 7.33
N LEU B 160 11.50 15.11 8.08
CA LEU B 160 12.24 15.69 9.19
C LEU B 160 13.15 16.82 8.70
N TRP B 161 13.76 16.63 7.52
CA TRP B 161 14.58 17.69 6.95
C TRP B 161 13.79 18.98 6.74
N ARG B 162 12.49 18.88 6.47
CA ARG B 162 11.69 19.99 5.96
C ARG B 162 10.77 20.61 7.00
N LEU B 163 10.93 20.30 8.29
CA LEU B 163 9.98 20.78 9.28
C LEU B 163 9.92 22.31 9.30
N ASP B 164 11.08 22.97 9.30
CA ASP B 164 11.09 24.42 9.21
C ASP B 164 10.59 24.89 7.85
N HIS B 165 10.99 24.20 6.78
CA HIS B 165 10.56 24.59 5.44
C HIS B 165 9.03 24.55 5.33
N TYR B 166 8.40 23.54 5.93
CA TYR B 166 6.95 23.41 5.95
C TYR B 166 6.27 24.29 6.99
N GLY B 167 7.03 25.01 7.82
CA GLY B 167 6.44 25.80 8.87
C GLY B 167 5.81 24.98 9.99
N ILE B 168 6.33 23.79 10.25
CA ILE B 168 5.81 22.89 11.27
C ILE B 168 6.62 23.09 12.54
N GLU B 169 5.96 23.54 13.61
CA GLU B 169 6.60 23.79 14.89
C GLU B 169 6.21 22.66 15.85
N LEU B 170 7.20 21.89 16.29
CA LEU B 170 6.94 20.72 17.10
C LEU B 170 6.82 21.09 18.58
N SER B 171 6.17 20.20 19.32
CA SER B 171 5.99 20.37 20.76
C SER B 171 7.33 20.24 21.48
N LYS B 172 7.32 20.54 22.77
CA LYS B 172 8.55 20.49 23.56
C LYS B 172 9.16 19.09 23.61
N ASN B 173 8.37 18.05 23.38
CA ASN B 173 8.89 16.69 23.56
CA ASN B 173 8.84 16.67 23.53
C ASN B 173 9.62 16.15 22.32
N ALA B 174 9.84 16.99 21.32
CA ALA B 174 10.43 16.52 20.07
C ALA B 174 11.96 16.46 20.07
N ALA B 175 12.63 16.91 21.12
CA ALA B 175 14.09 16.92 21.09
C ALA B 175 14.70 15.58 20.74
N PRO B 176 14.25 14.43 21.30
CA PRO B 176 14.87 13.17 20.88
C PRO B 176 14.67 12.88 19.40
N LEU B 177 13.52 13.27 18.87
CA LEU B 177 13.28 13.13 17.43
C LEU B 177 14.29 13.93 16.61
N MET B 178 14.63 15.13 17.07
CA MET B 178 15.59 15.95 16.32
C MET B 178 17.01 15.41 16.43
N LYS B 179 17.37 14.83 17.57
CA LYS B 179 18.67 14.19 17.66
C LYS B 179 18.73 12.99 16.71
N TYR B 180 17.65 12.20 16.68
CA TYR B 180 17.52 11.12 15.70
C TYR B 180 17.65 11.64 14.27
N ALA B 181 17.01 12.77 13.97
CA ALA B 181 17.06 13.32 12.61
C ALA B 181 18.49 13.65 12.20
N GLU B 182 19.27 14.22 13.12
CA GLU B 182 20.67 14.51 12.84
C GLU B 182 21.48 13.25 12.63
N ARG B 183 21.09 12.14 13.28
CA ARG B 183 21.78 10.88 13.05
C ARG B 183 21.57 10.38 11.62
N ILE B 184 20.42 10.66 11.02
CA ILE B 184 20.23 10.33 9.61
C ILE B 184 21.01 11.28 8.73
N PHE B 185 20.92 12.59 9.05
CA PHE B 185 21.48 13.61 8.17
C PHE B 185 22.99 13.54 8.09
N SER B 186 23.65 12.98 9.10
CA SER B 186 25.09 12.87 9.09
C SER B 186 25.58 11.63 8.35
N ARG B 187 24.69 10.74 7.94
CA ARG B 187 25.09 9.61 7.13
C ARG B 187 25.71 10.10 5.82
N PRO B 188 26.84 9.54 5.40
CA PRO B 188 27.45 10.00 4.14
C PRO B 188 26.50 9.92 2.95
N ALA B 189 25.66 8.89 2.88
CA ALA B 189 24.75 8.81 1.74
C ALA B 189 23.69 9.90 1.79
N TYR B 190 23.28 10.34 2.98
CA TYR B 190 22.33 11.45 3.05
C TYR B 190 22.97 12.73 2.54
N ILE B 191 24.23 12.98 2.92
CA ILE B 191 24.92 14.17 2.44
C ILE B 191 25.05 14.14 0.93
N GLU B 192 25.41 12.99 0.36
CA GLU B 192 25.50 12.88 -1.08
C GLU B 192 24.15 13.13 -1.76
N ALA B 193 23.05 12.65 -1.16
CA ALA B 193 21.76 12.73 -1.85
C ALA B 193 21.14 14.13 -1.79
N LEU B 194 21.56 14.98 -0.85
CA LEU B 194 21.02 16.32 -0.76
C LEU B 194 21.31 17.11 -2.03
N THR B 195 20.27 17.70 -2.62
CA THR B 195 20.50 18.60 -3.74
C THR B 195 20.90 19.97 -3.20
N PRO B 196 21.57 20.79 -4.03
CA PRO B 196 21.85 22.17 -3.60
C PRO B 196 20.59 22.89 -3.15
N SER B 197 19.45 22.61 -3.77
CA SER B 197 18.21 23.27 -3.41
C SER B 197 17.70 22.80 -2.04
N GLU B 198 17.91 21.52 -1.72
CA GLU B 198 17.48 21.01 -0.42
C GLU B 198 18.38 21.54 0.70
N LYS B 199 19.68 21.66 0.43
CA LYS B 199 20.60 22.17 1.45
C LYS B 199 20.16 23.53 1.97
N VAL B 200 19.62 24.37 1.09
CA VAL B 200 19.20 25.72 1.45
C VAL B 200 18.02 25.72 2.43
N MET B 201 17.26 24.63 2.51
CA MET B 201 16.09 24.61 3.36
C MET B 201 16.42 24.64 4.84
N ARG B 202 17.67 24.36 5.21
CA ARG B 202 18.05 24.35 6.61
C ARG B 202 19.32 25.16 6.84
#